data_7PZO
#
_entry.id   7PZO
#
_cell.length_a   134.660
_cell.length_b   44.650
_cell.length_c   72.500
_cell.angle_alpha   90.000
_cell.angle_beta   102.830
_cell.angle_gamma   90.000
#
_symmetry.space_group_name_H-M   'C 1 2 1'
#
loop_
_entity.id
_entity.type
_entity.pdbx_description
1 polymer 'mite allergen Der p 3'
2 non-polymer 'SULFATE ION'
3 water water
#
_entity_poly.entity_id   1
_entity_poly.type   'polypeptide(L)'
_entity_poly.pdbx_seq_one_letter_code
;IVGGEKALAGECPYQISLQSSSHFCGGTILDEYWILTAAHCVAGQTASKLSIRYNSLKHSLGGEKISVAKIFAHEKYDSF
KIDNDIALIKLKTPMKLDQKNAKAVGLPAKGSDVKVGDQVRVSGWGYLEEGSYSLPSELRRVDIAVVSRKECNELYSKAN
AEVTDNMICGGDVANGGKDSCQGDSGGPVVDVKNNQVVGIVSWGYGCARKGYPGVYTRVGNFIDWIEIKT
;
_entity_poly.pdbx_strand_id   A,B
#
loop_
_chem_comp.id
_chem_comp.type
_chem_comp.name
_chem_comp.formula
SO4 non-polymer 'SULFATE ION' 'O4 S -2'
#
# COMPACT_ATOMS: atom_id res chain seq x y z
N ILE A 1 -8.04 -9.06 -4.93
CA ILE A 1 -7.23 -8.60 -3.76
C ILE A 1 -8.15 -7.98 -2.70
N VAL A 2 -8.09 -8.51 -1.47
CA VAL A 2 -8.91 -8.02 -0.39
C VAL A 2 -8.02 -7.22 0.55
N GLY A 3 -8.55 -6.08 0.97
CA GLY A 3 -7.93 -5.21 1.96
C GLY A 3 -6.74 -4.45 1.39
N GLY A 4 -6.62 -4.44 0.04
CA GLY A 4 -5.55 -3.76 -0.68
C GLY A 4 -5.93 -2.32 -1.06
N GLU A 5 -5.18 -1.77 -2.00
CA GLU A 5 -5.47 -0.46 -2.59
C GLU A 5 -5.06 -0.51 -4.05
N LYS A 6 -5.60 0.45 -4.82
CA LYS A 6 -5.28 0.54 -6.23
C LYS A 6 -3.79 0.82 -6.36
N ALA A 7 -3.13 0.01 -7.20
CA ALA A 7 -1.75 0.17 -7.61
C ALA A 7 -1.60 1.50 -8.34
N LEU A 8 -0.40 2.08 -8.24
CA LEU A 8 -0.09 3.30 -8.96
C LEU A 8 0.79 2.93 -10.14
N ALA A 9 0.83 3.84 -11.11
CA ALA A 9 1.66 3.66 -12.29
C ALA A 9 3.08 3.30 -11.83
N GLY A 10 3.58 2.15 -12.27
CA GLY A 10 4.96 1.78 -12.05
C GLY A 10 5.15 1.02 -10.75
N GLU A 11 4.07 0.79 -9.97
CA GLU A 11 4.24 0.14 -8.68
C GLU A 11 4.40 -1.37 -8.82
N CYS A 12 3.59 -1.95 -9.71
CA CYS A 12 3.64 -3.38 -9.93
C CYS A 12 3.83 -3.60 -11.43
N PRO A 13 5.00 -3.26 -12.01
CA PRO A 13 5.17 -3.30 -13.46
C PRO A 13 5.29 -4.71 -14.06
N TYR A 14 5.44 -5.71 -13.18
CA TYR A 14 5.63 -7.09 -13.57
C TYR A 14 4.27 -7.77 -13.75
N GLN A 15 3.15 -7.15 -13.35
CA GLN A 15 1.87 -7.87 -13.35
C GLN A 15 1.37 -8.11 -14.78
N ILE A 16 0.91 -9.33 -15.13
CA ILE A 16 0.18 -9.49 -16.39
C ILE A 16 -1.21 -10.05 -16.10
N SER A 17 -2.10 -9.86 -17.09
CA SER A 17 -3.43 -10.45 -17.04
C SER A 17 -3.47 -11.61 -18.03
N LEU A 18 -3.75 -12.82 -17.54
CA LEU A 18 -3.87 -14.00 -18.40
C LEU A 18 -5.36 -14.17 -18.70
N GLN A 19 -5.63 -14.44 -19.98
CA GLN A 19 -6.92 -14.20 -20.58
C GLN A 19 -7.23 -15.33 -21.55
N SER A 20 -8.50 -15.71 -21.63
CA SER A 20 -8.94 -16.42 -22.81
C SER A 20 -10.28 -15.84 -23.17
N SER A 21 -10.31 -14.87 -24.08
CA SER A 21 -11.54 -14.08 -24.26
C SER A 21 -11.69 -13.01 -23.17
N SER A 22 -11.47 -13.33 -21.88
CA SER A 22 -11.25 -12.29 -20.87
C SER A 22 -10.36 -12.79 -19.70
N HIS A 23 -10.06 -11.89 -18.76
CA HIS A 23 -9.18 -12.15 -17.62
C HIS A 23 -9.68 -13.30 -16.78
N PHE A 24 -8.80 -14.24 -16.40
CA PHE A 24 -9.19 -15.22 -15.37
C PHE A 24 -8.11 -15.44 -14.30
N CYS A 25 -6.89 -14.92 -14.50
CA CYS A 25 -5.75 -15.25 -13.65
C CYS A 25 -4.66 -14.20 -13.91
N GLY A 26 -3.74 -14.09 -12.97
CA GLY A 26 -2.66 -13.15 -13.11
C GLY A 26 -1.40 -13.90 -13.46
N GLY A 27 -0.28 -13.21 -13.49
CA GLY A 27 0.95 -13.81 -13.96
C GLY A 27 2.02 -12.78 -13.70
N THR A 28 3.28 -13.19 -13.81
CA THR A 28 4.35 -12.29 -13.44
C THR A 28 5.38 -12.31 -14.57
N ILE A 29 5.83 -11.15 -15.01
CA ILE A 29 6.80 -11.06 -16.10
C ILE A 29 8.13 -11.53 -15.53
N LEU A 30 8.77 -12.49 -16.20
CA LEU A 30 10.14 -12.85 -15.84
C LEU A 30 11.12 -12.27 -16.86
N ASP A 31 10.69 -12.22 -18.13
CA ASP A 31 11.46 -11.54 -19.17
C ASP A 31 10.53 -11.29 -20.34
N GLU A 32 11.08 -10.71 -21.41
CA GLU A 32 10.40 -10.52 -22.69
C GLU A 32 9.43 -11.64 -23.07
N TYR A 33 9.85 -12.90 -22.93
CA TYR A 33 9.07 -13.99 -23.50
C TYR A 33 8.31 -14.81 -22.47
N TRP A 34 8.59 -14.65 -21.18
CA TRP A 34 8.26 -15.67 -20.19
C TRP A 34 7.47 -15.07 -19.06
N ILE A 35 6.33 -15.69 -18.77
CA ILE A 35 5.42 -15.22 -17.73
C ILE A 35 5.34 -16.35 -16.73
N LEU A 36 5.45 -16.03 -15.43
CA LEU A 36 5.21 -17.08 -14.45
C LEU A 36 3.77 -17.05 -13.90
N THR A 37 3.12 -18.21 -13.70
CA THR A 37 1.75 -18.26 -13.21
C THR A 37 1.56 -19.57 -12.45
N ALA A 38 0.31 -19.92 -12.09
CA ALA A 38 0.03 -21.18 -11.41
C ALA A 38 -0.29 -22.30 -12.42
N ALA A 39 0.22 -23.52 -12.16
CA ALA A 39 -0.34 -24.71 -12.78
C ALA A 39 -1.87 -24.70 -12.80
N HIS A 40 -2.57 -24.54 -11.68
CA HIS A 40 -4.03 -24.66 -11.80
C HIS A 40 -4.65 -23.65 -12.76
N CYS A 41 -3.96 -22.54 -13.09
CA CYS A 41 -4.45 -21.54 -14.04
C CYS A 41 -4.40 -22.07 -15.48
N VAL A 42 -3.37 -22.85 -15.80
CA VAL A 42 -3.17 -23.21 -17.19
C VAL A 42 -3.51 -24.67 -17.41
N ALA A 43 -3.94 -25.40 -16.36
CA ALA A 43 -4.17 -26.83 -16.43
C ALA A 43 -5.23 -27.19 -17.46
N GLY A 44 -4.85 -28.05 -18.43
CA GLY A 44 -5.67 -28.44 -19.57
C GLY A 44 -6.23 -27.27 -20.37
N GLN A 45 -5.47 -26.18 -20.48
CA GLN A 45 -5.79 -25.11 -21.41
C GLN A 45 -4.92 -25.29 -22.64
N THR A 46 -5.37 -24.74 -23.76
CA THR A 46 -4.60 -24.72 -25.00
C THR A 46 -3.91 -23.37 -25.11
N ALA A 47 -2.60 -23.43 -25.37
CA ALA A 47 -1.75 -22.26 -25.44
C ALA A 47 -2.33 -21.28 -26.46
N SER A 48 -2.58 -21.78 -27.66
CA SER A 48 -3.17 -21.05 -28.77
C SER A 48 -4.39 -20.24 -28.35
N LYS A 49 -5.15 -20.66 -27.32
CA LYS A 49 -6.37 -19.96 -26.95
C LYS A 49 -6.18 -18.91 -25.84
N LEU A 50 -4.96 -18.83 -25.29
CA LEU A 50 -4.72 -17.95 -24.17
C LEU A 50 -3.99 -16.70 -24.71
N SER A 51 -4.27 -15.57 -24.07
CA SER A 51 -3.44 -14.39 -24.27
C SER A 51 -3.14 -13.71 -22.92
N ILE A 52 -2.28 -12.68 -23.01
CA ILE A 52 -1.93 -11.86 -21.86
C ILE A 52 -2.16 -10.39 -22.21
N ARG A 53 -2.57 -9.62 -21.23
CA ARG A 53 -2.41 -8.18 -21.36
C ARG A 53 -1.31 -7.77 -20.38
N TYR A 54 -0.35 -6.98 -20.87
CA TYR A 54 0.70 -6.42 -20.05
C TYR A 54 0.69 -4.90 -20.21
N ASN A 55 1.48 -4.18 -19.41
CA ASN A 55 1.70 -2.75 -19.59
C ASN A 55 0.41 -1.96 -19.36
N SER A 56 -0.44 -2.47 -18.47
CA SER A 56 -1.67 -1.76 -18.21
C SER A 56 -2.10 -1.99 -16.77
N LEU A 57 -2.62 -0.95 -16.08
CA LEU A 57 -3.24 -1.15 -14.77
C LEU A 57 -4.69 -1.66 -14.86
N LYS A 58 -5.27 -1.72 -16.07
CA LYS A 58 -6.61 -2.24 -16.30
C LYS A 58 -6.51 -3.54 -17.11
N HIS A 59 -7.34 -4.54 -16.78
CA HIS A 59 -7.17 -5.86 -17.36
C HIS A 59 -7.80 -5.90 -18.75
N SER A 60 -8.81 -5.06 -18.97
CA SER A 60 -9.61 -5.18 -20.18
C SER A 60 -9.34 -4.01 -21.13
N LEU A 61 -8.36 -3.17 -20.81
CA LEU A 61 -8.14 -1.98 -21.64
C LEU A 61 -6.67 -1.55 -21.53
N GLY A 62 -6.12 -1.12 -22.64
CA GLY A 62 -4.83 -0.47 -22.66
C GLY A 62 -3.69 -1.48 -22.67
N GLY A 63 -2.46 -0.97 -22.57
CA GLY A 63 -1.27 -1.78 -22.69
C GLY A 63 -1.33 -2.53 -24.01
N GLU A 64 -0.81 -3.76 -24.05
CA GLU A 64 -0.84 -4.56 -25.27
C GLU A 64 -1.12 -6.02 -24.92
N LYS A 65 -1.80 -6.72 -25.84
CA LYS A 65 -2.20 -8.11 -25.73
C LYS A 65 -1.27 -8.97 -26.59
N ILE A 66 -0.81 -10.10 -26.05
CA ILE A 66 0.05 -11.01 -26.80
C ILE A 66 -0.51 -12.43 -26.69
N SER A 67 -0.45 -13.19 -27.80
CA SER A 67 -0.79 -14.61 -27.85
C SER A 67 0.21 -15.47 -27.11
N VAL A 68 -0.35 -16.45 -26.41
CA VAL A 68 0.52 -17.42 -25.78
C VAL A 68 0.93 -18.48 -26.81
N ALA A 69 2.21 -18.87 -26.75
CA ALA A 69 2.70 -19.91 -27.63
C ALA A 69 2.91 -21.25 -26.91
N LYS A 70 3.11 -21.23 -25.57
CA LYS A 70 3.54 -22.44 -24.88
C LYS A 70 3.07 -22.40 -23.43
N ILE A 71 2.57 -23.55 -22.94
CA ILE A 71 2.21 -23.71 -21.55
C ILE A 71 3.09 -24.80 -20.94
N PHE A 72 3.82 -24.47 -19.86
CA PHE A 72 4.58 -25.46 -19.12
C PHE A 72 4.08 -25.52 -17.69
N ALA A 73 3.28 -26.55 -17.37
CA ALA A 73 2.77 -26.81 -16.03
C ALA A 73 3.70 -27.77 -15.30
N HIS A 74 3.89 -27.56 -14.01
CA HIS A 74 4.77 -28.47 -13.30
C HIS A 74 4.32 -29.92 -13.52
N GLU A 75 5.31 -30.79 -13.75
CA GLU A 75 5.09 -32.20 -14.01
C GLU A 75 4.56 -32.92 -12.77
N LYS A 76 4.76 -32.36 -11.58
CA LYS A 76 4.33 -33.01 -10.34
C LYS A 76 3.13 -32.27 -9.77
N TYR A 77 2.44 -31.51 -10.61
CA TYR A 77 1.29 -30.74 -10.15
C TYR A 77 0.17 -31.69 -9.72
N ASP A 78 -0.31 -31.53 -8.48
CA ASP A 78 -1.36 -32.33 -7.88
C ASP A 78 -2.61 -31.49 -7.70
N SER A 79 -3.66 -31.72 -8.50
CA SER A 79 -4.80 -30.81 -8.52
C SER A 79 -5.64 -30.93 -7.25
N PHE A 80 -5.43 -32.02 -6.51
CA PHE A 80 -6.20 -32.32 -5.32
C PHE A 80 -5.56 -31.63 -4.12
N LYS A 81 -4.22 -31.55 -4.12
CA LYS A 81 -3.50 -30.96 -3.01
C LYS A 81 -3.01 -29.55 -3.35
N ILE A 82 -3.14 -29.15 -4.62
CA ILE A 82 -2.69 -27.86 -5.12
C ILE A 82 -1.21 -27.64 -4.80
N ASP A 83 -0.44 -28.70 -4.97
CA ASP A 83 0.96 -28.70 -4.61
C ASP A 83 1.71 -28.67 -5.91
N ASN A 84 2.92 -28.12 -5.89
CA ASN A 84 3.65 -27.90 -7.12
C ASN A 84 2.87 -26.99 -8.08
N ASP A 85 2.25 -25.92 -7.55
CA ASP A 85 1.26 -25.19 -8.33
C ASP A 85 1.92 -24.06 -9.12
N ILE A 86 2.72 -24.42 -10.11
CA ILE A 86 3.49 -23.41 -10.81
C ILE A 86 3.46 -23.72 -12.32
N ALA A 87 3.49 -22.68 -13.12
CA ALA A 87 3.52 -22.87 -14.55
C ALA A 87 4.27 -21.69 -15.16
N LEU A 88 4.86 -21.95 -16.31
CA LEU A 88 5.52 -20.96 -17.13
C LEU A 88 4.73 -20.85 -18.42
N ILE A 89 4.65 -19.63 -18.92
CA ILE A 89 4.05 -19.36 -20.20
C ILE A 89 5.14 -18.73 -21.06
N LYS A 90 5.19 -19.11 -22.34
CA LYS A 90 6.02 -18.46 -23.33
C LYS A 90 5.12 -17.80 -24.36
N LEU A 91 5.42 -16.54 -24.68
CA LEU A 91 4.58 -15.74 -25.56
C LEU A 91 5.07 -15.87 -26.99
N LYS A 92 4.14 -15.61 -27.93
CA LYS A 92 4.40 -15.78 -29.35
C LYS A 92 5.34 -14.68 -29.84
N THR A 93 5.24 -13.49 -29.22
CA THR A 93 6.02 -12.32 -29.59
C THR A 93 6.52 -11.69 -28.30
N PRO A 94 7.66 -10.95 -28.31
CA PRO A 94 8.17 -10.36 -27.06
C PRO A 94 7.31 -9.21 -26.49
N MET A 95 7.31 -9.08 -25.17
CA MET A 95 6.82 -7.85 -24.54
C MET A 95 7.91 -6.80 -24.63
N LYS A 96 7.49 -5.54 -24.85
CA LYS A 96 8.43 -4.44 -24.74
C LYS A 96 8.55 -4.10 -23.26
N LEU A 97 9.71 -4.34 -22.66
CA LEU A 97 9.85 -4.13 -21.22
C LEU A 97 10.49 -2.78 -20.92
N ASP A 98 10.93 -2.58 -19.67
CA ASP A 98 11.61 -1.36 -19.24
C ASP A 98 10.70 -0.14 -19.47
N GLN A 99 9.42 -0.29 -19.19
CA GLN A 99 8.46 0.59 -19.78
C GLN A 99 7.43 1.00 -18.77
N LYS A 100 7.83 1.09 -17.50
CA LYS A 100 7.05 1.86 -16.54
C LYS A 100 5.92 1.01 -15.96
N ASN A 101 5.00 0.55 -16.80
CA ASN A 101 4.08 -0.46 -16.32
C ASN A 101 4.42 -1.82 -16.90
N ALA A 102 5.64 -1.97 -17.45
CA ALA A 102 6.05 -3.23 -18.03
C ALA A 102 7.52 -3.44 -17.72
N LYS A 103 7.79 -4.32 -16.76
CA LYS A 103 9.17 -4.47 -16.32
C LYS A 103 9.24 -5.83 -15.66
N ALA A 104 10.40 -6.50 -15.78
CA ALA A 104 10.54 -7.86 -15.26
C ALA A 104 10.82 -7.84 -13.76
N VAL A 105 10.49 -8.92 -13.05
CA VAL A 105 10.84 -8.97 -11.64
C VAL A 105 11.92 -10.05 -11.49
N GLY A 106 12.72 -9.99 -10.43
CA GLY A 106 13.80 -10.95 -10.19
C GLY A 106 13.30 -12.25 -9.55
N LEU A 107 14.16 -13.27 -9.64
CA LEU A 107 13.94 -14.54 -8.96
C LEU A 107 14.78 -14.58 -7.69
N PRO A 108 14.20 -15.13 -6.59
CA PRO A 108 14.97 -15.38 -5.35
C PRO A 108 16.04 -16.47 -5.48
N ALA A 109 16.90 -16.61 -4.47
CA ALA A 109 17.96 -17.62 -4.51
C ALA A 109 17.32 -18.99 -4.47
N LYS A 110 18.06 -19.97 -4.99
CA LYS A 110 17.50 -21.28 -5.16
C LYS A 110 17.29 -21.86 -3.78
N GLY A 111 16.03 -22.14 -3.42
CA GLY A 111 15.80 -22.86 -2.18
C GLY A 111 15.49 -21.95 -1.01
N SER A 112 15.47 -20.65 -1.26
CA SER A 112 15.06 -19.68 -0.25
C SER A 112 13.59 -19.87 0.09
N ASP A 113 13.19 -19.18 1.16
CA ASP A 113 11.87 -19.22 1.71
C ASP A 113 11.63 -17.82 2.26
N VAL A 114 10.42 -17.57 2.75
CA VAL A 114 10.15 -16.39 3.55
C VAL A 114 10.14 -16.82 5.02
N LYS A 115 10.27 -15.86 5.96
CA LYS A 115 10.18 -16.19 7.39
C LYS A 115 9.19 -15.24 8.03
N VAL A 116 8.47 -15.72 9.05
CA VAL A 116 7.67 -14.85 9.90
C VAL A 116 8.38 -13.51 10.06
N GLY A 117 7.67 -12.41 9.81
CA GLY A 117 8.25 -11.08 9.96
C GLY A 117 8.64 -10.46 8.62
N ASP A 118 8.66 -11.28 7.57
CA ASP A 118 8.74 -10.76 6.20
C ASP A 118 7.37 -10.24 5.77
N GLN A 119 7.45 -9.16 4.99
CA GLN A 119 6.26 -8.58 4.39
C GLN A 119 6.41 -8.76 2.88
N VAL A 120 5.29 -9.02 2.23
CA VAL A 120 5.29 -9.24 0.79
C VAL A 120 4.06 -8.59 0.16
N ARG A 121 4.25 -8.23 -1.11
CA ARG A 121 3.22 -7.53 -1.87
C ARG A 121 2.65 -8.50 -2.92
N VAL A 122 1.32 -8.56 -2.92
CA VAL A 122 0.50 -9.40 -3.76
C VAL A 122 -0.41 -8.43 -4.52
N SER A 123 -0.61 -8.73 -5.80
CA SER A 123 -1.30 -7.82 -6.69
C SER A 123 -2.14 -8.62 -7.67
N GLY A 124 -3.20 -8.00 -8.18
CA GLY A 124 -3.93 -8.52 -9.34
C GLY A 124 -5.34 -7.94 -9.38
N TRP A 125 -6.15 -8.46 -10.31
CA TRP A 125 -7.49 -7.99 -10.59
C TRP A 125 -8.58 -8.86 -9.97
N GLY A 126 -8.24 -9.67 -8.95
CA GLY A 126 -9.25 -10.57 -8.39
C GLY A 126 -10.30 -9.83 -7.57
N TYR A 127 -11.35 -10.55 -7.15
CA TYR A 127 -12.42 -9.96 -6.36
C TYR A 127 -11.90 -9.14 -5.16
N LEU A 128 -12.66 -8.10 -4.79
CA LEU A 128 -12.25 -7.22 -3.70
C LEU A 128 -12.63 -7.83 -2.35
N GLU A 129 -13.59 -8.77 -2.38
CA GLU A 129 -14.09 -9.49 -1.22
C GLU A 129 -14.42 -10.90 -1.68
N GLU A 130 -14.33 -11.87 -0.77
CA GLU A 130 -14.85 -13.21 -1.04
C GLU A 130 -16.27 -13.11 -1.59
N GLY A 131 -16.45 -13.63 -2.82
CA GLY A 131 -17.72 -13.75 -3.50
C GLY A 131 -18.34 -12.44 -4.02
N SER A 132 -17.50 -11.49 -4.48
CA SER A 132 -18.11 -10.35 -5.12
C SER A 132 -18.55 -10.72 -6.53
N TYR A 133 -19.39 -9.87 -7.11
CA TYR A 133 -20.06 -10.22 -8.34
C TYR A 133 -19.18 -9.88 -9.54
N SER A 134 -18.21 -8.98 -9.40
CA SER A 134 -17.40 -8.58 -10.54
C SER A 134 -15.93 -8.47 -10.16
N LEU A 135 -15.04 -8.47 -11.16
CA LEU A 135 -13.63 -8.14 -11.01
C LEU A 135 -13.52 -6.62 -10.99
N PRO A 136 -12.65 -6.00 -10.16
CA PRO A 136 -12.38 -4.57 -10.32
C PRO A 136 -11.74 -4.45 -11.70
N SER A 137 -11.85 -3.27 -12.31
CA SER A 137 -11.12 -2.99 -13.52
C SER A 137 -9.66 -2.53 -13.28
N GLU A 138 -9.34 -1.98 -12.10
CA GLU A 138 -8.00 -1.46 -11.84
C GLU A 138 -7.20 -2.42 -10.97
N LEU A 139 -5.88 -2.51 -11.19
CA LEU A 139 -5.00 -3.40 -10.44
C LEU A 139 -5.04 -3.03 -8.98
N ARG A 140 -5.21 -4.03 -8.10
CA ARG A 140 -5.07 -3.77 -6.67
C ARG A 140 -3.73 -4.31 -6.18
N ARG A 141 -3.31 -3.87 -4.98
CA ARG A 141 -2.14 -4.47 -4.38
C ARG A 141 -2.30 -4.48 -2.86
N VAL A 142 -1.67 -5.47 -2.21
CA VAL A 142 -1.74 -5.57 -0.77
C VAL A 142 -0.41 -6.07 -0.26
N ASP A 143 -0.01 -5.50 0.88
CA ASP A 143 1.12 -5.98 1.66
C ASP A 143 0.55 -6.76 2.82
N ILE A 144 1.08 -7.96 3.00
CA ILE A 144 0.64 -8.84 4.05
C ILE A 144 1.91 -9.36 4.67
N ALA A 145 1.77 -9.81 5.92
CA ALA A 145 2.87 -10.45 6.64
C ALA A 145 2.84 -11.94 6.34
N VAL A 146 4.02 -12.49 6.16
CA VAL A 146 4.23 -13.90 5.99
C VAL A 146 3.83 -14.61 7.28
N VAL A 147 3.25 -15.81 7.16
CA VAL A 147 2.90 -16.61 8.33
C VAL A 147 3.78 -17.85 8.32
N SER A 148 4.23 -18.30 9.49
CA SER A 148 5.18 -19.40 9.55
C SER A 148 4.57 -20.60 8.82
N ARG A 149 5.40 -21.43 8.18
CA ARG A 149 4.82 -22.59 7.52
C ARG A 149 4.05 -23.48 8.49
N LYS A 150 4.67 -23.73 9.64
CA LYS A 150 4.20 -24.65 10.66
C LYS A 150 2.82 -24.19 11.15
N GLU A 151 2.73 -22.88 11.43
CA GLU A 151 1.51 -22.29 11.96
C GLU A 151 0.40 -22.37 10.92
N CYS A 152 0.75 -22.07 9.66
CA CYS A 152 -0.24 -22.03 8.59
C CYS A 152 -0.73 -23.47 8.39
N ASN A 153 0.21 -24.41 8.49
CA ASN A 153 -0.13 -25.80 8.31
C ASN A 153 -1.17 -26.23 9.32
N GLU A 154 -0.99 -25.75 10.58
CA GLU A 154 -1.84 -26.11 11.69
C GLU A 154 -3.23 -25.49 11.59
N LEU A 155 -3.31 -24.28 11.07
CA LEU A 155 -4.58 -23.63 10.87
C LEU A 155 -5.38 -24.36 9.79
N TYR A 156 -4.70 -24.87 8.77
CA TYR A 156 -5.43 -25.45 7.66
C TYR A 156 -5.83 -26.91 7.90
N SER A 157 -5.42 -27.52 9.03
CA SER A 157 -5.93 -28.83 9.44
C SER A 157 -7.45 -28.79 9.60
N LYS A 158 -7.97 -27.69 10.14
CA LYS A 158 -9.40 -27.55 10.36
C LYS A 158 -10.14 -27.69 9.03
N ALA A 159 -9.45 -27.50 7.91
CA ALA A 159 -10.07 -27.67 6.61
C ALA A 159 -9.55 -28.92 5.92
N ASN A 160 -8.73 -29.70 6.63
CA ASN A 160 -8.36 -31.00 6.12
C ASN A 160 -7.32 -30.82 5.02
N ALA A 161 -6.57 -29.72 5.07
CA ALA A 161 -5.66 -29.46 3.97
C ALA A 161 -4.27 -29.35 4.54
N GLU A 162 -3.28 -29.80 3.76
CA GLU A 162 -1.89 -29.69 4.16
C GLU A 162 -1.28 -28.47 3.47
N VAL A 163 -0.39 -27.77 4.19
CA VAL A 163 0.48 -26.76 3.60
C VAL A 163 1.90 -27.32 3.61
N THR A 164 2.50 -27.44 2.42
CA THR A 164 3.72 -28.21 2.31
C THR A 164 4.93 -27.30 2.16
N ASP A 165 6.11 -27.90 2.08
CA ASP A 165 7.36 -27.19 1.86
C ASP A 165 7.28 -26.40 0.55
N ASN A 166 6.36 -26.77 -0.35
CA ASN A 166 6.24 -26.07 -1.61
C ASN A 166 5.33 -24.83 -1.52
N MET A 167 4.95 -24.44 -0.30
CA MET A 167 3.97 -23.38 -0.13
C MET A 167 4.47 -22.44 0.94
N ILE A 168 4.13 -21.15 0.78
CA ILE A 168 4.28 -20.17 1.85
C ILE A 168 2.90 -19.56 2.13
N CYS A 169 2.75 -18.96 3.32
CA CYS A 169 1.50 -18.33 3.70
C CYS A 169 1.74 -16.90 4.14
N GLY A 170 0.65 -16.14 4.08
CA GLY A 170 0.71 -14.71 4.33
C GLY A 170 -0.72 -14.23 4.55
N GLY A 171 -0.86 -13.24 5.42
CA GLY A 171 -2.20 -12.83 5.76
C GLY A 171 -2.24 -12.46 7.23
N ASP A 172 -3.45 -12.40 7.77
CA ASP A 172 -3.58 -11.97 9.14
C ASP A 172 -4.48 -12.95 9.92
N VAL A 173 -3.79 -13.85 10.65
CA VAL A 173 -4.44 -14.94 11.35
C VAL A 173 -5.58 -14.40 12.22
N ALA A 174 -5.27 -13.41 13.07
CA ALA A 174 -6.18 -12.94 14.09
C ALA A 174 -7.40 -12.23 13.51
N ASN A 175 -7.24 -11.49 12.41
CA ASN A 175 -8.26 -10.54 12.00
C ASN A 175 -8.76 -10.82 10.60
N GLY A 176 -8.00 -11.59 9.81
CA GLY A 176 -8.23 -11.72 8.36
C GLY A 176 -8.17 -10.35 7.67
N GLY A 177 -8.86 -10.22 6.52
CA GLY A 177 -9.13 -8.93 5.89
C GLY A 177 -8.05 -8.50 4.90
N LYS A 178 -6.89 -9.15 4.86
CA LYS A 178 -5.96 -8.95 3.76
C LYS A 178 -5.72 -10.27 3.00
N ASP A 179 -5.79 -10.24 1.66
CA ASP A 179 -5.57 -11.52 0.99
C ASP A 179 -5.76 -11.37 -0.52
N SER A 180 -5.35 -12.44 -1.20
CA SER A 180 -5.65 -12.60 -2.61
C SER A 180 -7.00 -13.28 -2.65
N CYS A 181 -7.67 -13.19 -3.80
CA CYS A 181 -8.98 -13.77 -3.97
C CYS A 181 -9.12 -14.36 -5.38
N GLN A 182 -10.31 -14.88 -5.68
CA GLN A 182 -10.63 -15.47 -6.98
C GLN A 182 -10.29 -14.44 -8.05
N GLY A 183 -9.50 -14.85 -9.04
CA GLY A 183 -9.08 -13.96 -10.11
C GLY A 183 -7.63 -13.54 -9.88
N ASP A 184 -7.14 -13.72 -8.63
CA ASP A 184 -5.80 -13.28 -8.29
C ASP A 184 -4.78 -14.33 -8.71
N SER A 185 -5.24 -15.59 -8.81
CA SER A 185 -4.49 -16.82 -8.97
C SER A 185 -3.43 -16.74 -10.06
N GLY A 186 -2.20 -17.14 -9.70
CA GLY A 186 -1.05 -17.18 -10.58
C GLY A 186 -0.32 -15.84 -10.56
N GLY A 187 -0.92 -14.91 -9.79
CA GLY A 187 -0.42 -13.57 -9.57
C GLY A 187 0.89 -13.54 -8.76
N PRO A 188 1.63 -12.41 -8.79
CA PRO A 188 2.85 -12.28 -8.02
C PRO A 188 2.69 -11.91 -6.55
N VAL A 189 3.64 -12.44 -5.78
CA VAL A 189 3.90 -12.17 -4.39
C VAL A 189 5.38 -11.78 -4.35
N VAL A 190 5.63 -10.53 -3.98
CA VAL A 190 6.91 -9.92 -4.23
C VAL A 190 7.49 -9.41 -2.91
N ASP A 191 8.80 -9.66 -2.77
CA ASP A 191 9.64 -8.94 -1.83
C ASP A 191 10.02 -7.63 -2.50
N VAL A 192 9.45 -6.52 -2.01
CA VAL A 192 9.62 -5.25 -2.72
C VAL A 192 11.05 -4.78 -2.59
N LYS A 193 11.56 -4.79 -1.36
CA LYS A 193 12.93 -4.44 -1.02
C LYS A 193 13.85 -4.98 -2.11
N ASN A 194 13.86 -6.30 -2.30
CA ASN A 194 14.83 -6.95 -3.16
C ASN A 194 14.32 -7.05 -4.59
N ASN A 195 13.05 -6.65 -4.81
CA ASN A 195 12.37 -6.82 -6.10
C ASN A 195 12.40 -8.29 -6.56
N GLN A 196 11.86 -9.18 -5.74
CA GLN A 196 11.94 -10.59 -6.10
C GLN A 196 10.55 -11.17 -5.95
N VAL A 197 10.13 -11.92 -6.96
CA VAL A 197 8.92 -12.72 -6.86
C VAL A 197 9.23 -13.98 -6.04
N VAL A 198 8.58 -14.09 -4.86
CA VAL A 198 8.81 -15.17 -3.90
C VAL A 198 7.62 -16.13 -3.91
N GLY A 199 6.46 -15.64 -4.32
CA GLY A 199 5.24 -16.45 -4.29
C GLY A 199 4.39 -16.35 -5.56
N ILE A 200 3.52 -17.36 -5.73
CA ILE A 200 2.41 -17.26 -6.65
C ILE A 200 1.09 -17.44 -5.89
N VAL A 201 0.12 -16.54 -6.11
CA VAL A 201 -1.22 -16.73 -5.57
C VAL A 201 -1.70 -18.10 -5.96
N SER A 202 -2.01 -18.95 -4.97
CA SER A 202 -2.28 -20.35 -5.26
C SER A 202 -3.69 -20.75 -4.81
N TRP A 203 -3.91 -20.92 -3.50
CA TRP A 203 -5.21 -21.32 -3.00
C TRP A 203 -5.35 -20.75 -1.60
N GLY A 204 -6.56 -20.88 -1.07
CA GLY A 204 -6.82 -20.77 0.34
C GLY A 204 -8.29 -21.11 0.60
N TYR A 205 -8.68 -21.10 1.87
CA TYR A 205 -10.07 -21.34 2.24
C TYR A 205 -10.82 -20.00 2.29
N GLY A 206 -11.73 -19.78 1.34
CA GLY A 206 -12.35 -18.48 1.19
C GLY A 206 -11.28 -17.41 0.92
N CYS A 207 -11.64 -16.15 1.13
CA CYS A 207 -10.72 -15.03 0.98
C CYS A 207 -10.79 -14.20 2.26
N ALA A 208 -9.61 -13.94 2.82
CA ALA A 208 -9.46 -13.00 3.93
C ALA A 208 -10.22 -13.48 5.17
N ARG A 209 -10.37 -14.78 5.33
CA ARG A 209 -11.01 -15.24 6.55
C ARG A 209 -9.99 -15.25 7.69
N LYS A 210 -10.50 -14.94 8.89
CA LYS A 210 -9.78 -15.07 10.16
C LYS A 210 -9.32 -16.52 10.32
N GLY A 211 -8.01 -16.73 10.47
CA GLY A 211 -7.50 -18.06 10.71
C GLY A 211 -7.13 -18.81 9.43
N TYR A 212 -7.32 -18.17 8.27
CA TYR A 212 -7.16 -18.85 7.00
C TYR A 212 -6.31 -17.99 6.07
N PRO A 213 -4.98 -17.93 6.31
CA PRO A 213 -4.07 -17.21 5.44
C PRO A 213 -4.12 -17.72 3.99
N GLY A 214 -3.85 -16.80 3.06
CA GLY A 214 -3.68 -17.24 1.69
C GLY A 214 -2.42 -18.09 1.62
N VAL A 215 -2.51 -19.16 0.81
CA VAL A 215 -1.38 -20.01 0.52
C VAL A 215 -0.86 -19.67 -0.88
N TYR A 216 0.48 -19.60 -1.00
CA TYR A 216 1.12 -19.19 -2.23
C TYR A 216 2.17 -20.22 -2.56
N THR A 217 2.44 -20.38 -3.85
CA THR A 217 3.44 -21.34 -4.24
C THR A 217 4.82 -20.77 -3.90
N ARG A 218 5.68 -21.58 -3.26
CA ARG A 218 6.95 -21.07 -2.79
C ARG A 218 7.93 -21.15 -3.96
N VAL A 219 8.21 -19.98 -4.53
CA VAL A 219 8.98 -19.85 -5.76
C VAL A 219 10.41 -20.30 -5.53
N GLY A 220 10.88 -20.20 -4.29
CA GLY A 220 12.25 -20.56 -4.00
C GLY A 220 12.51 -22.04 -4.27
N ASN A 221 11.41 -22.83 -4.27
CA ASN A 221 11.54 -24.26 -4.42
C ASN A 221 11.57 -24.67 -5.89
N PHE A 222 11.36 -23.72 -6.82
CA PHE A 222 11.30 -24.04 -8.24
C PHE A 222 12.29 -23.21 -9.06
N ILE A 223 13.42 -22.86 -8.45
CA ILE A 223 14.36 -22.00 -9.18
C ILE A 223 15.04 -22.82 -10.25
N ASP A 224 15.44 -24.04 -9.87
CA ASP A 224 15.78 -25.19 -10.71
C ASP A 224 14.92 -25.27 -11.98
N TRP A 225 13.64 -25.54 -11.72
CA TRP A 225 12.62 -25.85 -12.68
C TRP A 225 12.43 -24.66 -13.63
N ILE A 226 12.41 -23.42 -13.11
CA ILE A 226 12.25 -22.22 -13.92
C ILE A 226 13.44 -21.99 -14.86
N GLU A 227 14.67 -22.19 -14.37
CA GLU A 227 15.79 -21.81 -15.20
C GLU A 227 16.03 -22.85 -16.30
N ILE A 228 15.76 -24.12 -15.98
CA ILE A 228 15.82 -25.15 -16.98
C ILE A 228 14.80 -24.80 -18.07
N LYS A 229 13.51 -24.67 -17.70
CA LYS A 229 12.42 -24.57 -18.66
C LYS A 229 12.58 -23.34 -19.56
N THR A 230 13.35 -22.34 -19.14
CA THR A 230 13.63 -21.16 -19.95
C THR A 230 15.05 -21.25 -20.50
N ILE B 1 -8.61 7.82 6.55
CA ILE B 1 -7.97 7.48 5.25
C ILE B 1 -8.93 6.63 4.42
N VAL B 2 -9.20 7.09 3.20
CA VAL B 2 -10.09 6.41 2.27
C VAL B 2 -9.24 5.76 1.18
N GLY B 3 -9.59 4.51 0.86
CA GLY B 3 -9.02 3.81 -0.28
C GLY B 3 -7.61 3.35 0.02
N GLY B 4 -7.27 3.24 1.33
CA GLY B 4 -5.98 2.72 1.75
C GLY B 4 -6.06 1.28 2.29
N GLU B 5 -5.11 0.95 3.17
CA GLU B 5 -4.93 -0.39 3.71
C GLU B 5 -4.26 -0.23 5.07
N LYS B 6 -4.44 -1.25 5.91
CA LYS B 6 -3.85 -1.34 7.22
C LYS B 6 -2.32 -1.32 7.11
N ALA B 7 -1.68 -0.32 7.71
CA ALA B 7 -0.24 -0.29 7.82
C ALA B 7 0.22 -1.58 8.52
N LEU B 8 1.32 -2.16 8.05
CA LEU B 8 1.97 -3.29 8.69
C LEU B 8 2.97 -2.82 9.75
N ALA B 9 3.45 -3.72 10.59
CA ALA B 9 4.52 -3.40 11.54
C ALA B 9 5.69 -2.77 10.78
N GLY B 10 6.15 -1.60 11.24
CA GLY B 10 7.37 -0.96 10.76
C GLY B 10 7.17 -0.04 9.56
N GLU B 11 5.94 0.02 9.02
CA GLU B 11 5.79 0.69 7.75
C GLU B 11 5.64 2.20 7.96
N CYS B 12 4.87 2.57 8.99
CA CYS B 12 4.66 3.99 9.23
C CYS B 12 5.15 4.33 10.64
N PRO B 13 6.46 4.15 10.95
CA PRO B 13 6.93 4.17 12.34
C PRO B 13 6.96 5.58 12.95
N TYR B 14 6.68 6.57 12.08
CA TYR B 14 6.75 7.99 12.38
C TYR B 14 5.33 8.50 12.71
N GLN B 15 4.29 7.67 12.65
CA GLN B 15 2.94 8.19 12.90
C GLN B 15 2.72 8.34 14.40
N ILE B 16 2.20 9.50 14.84
CA ILE B 16 1.69 9.56 16.19
C ILE B 16 0.20 9.91 16.16
N SER B 17 -0.47 9.66 17.30
CA SER B 17 -1.85 10.04 17.56
C SER B 17 -1.82 11.22 18.51
N LEU B 18 -2.38 12.37 18.12
CA LEU B 18 -2.43 13.50 19.03
C LEU B 18 -3.81 13.53 19.69
N GLN B 19 -3.83 13.66 21.01
CA GLN B 19 -5.01 13.30 21.78
C GLN B 19 -5.35 14.37 22.81
N SER B 20 -6.66 14.57 22.98
CA SER B 20 -7.22 15.37 24.05
C SER B 20 -8.28 14.53 24.71
N SER B 21 -7.92 13.74 25.71
CA SER B 21 -8.78 12.66 26.18
C SER B 21 -8.91 11.52 25.19
N SER B 22 -8.97 11.82 23.88
CA SER B 22 -8.84 10.77 22.87
C SER B 22 -8.32 11.35 21.56
N HIS B 23 -8.02 10.48 20.61
CA HIS B 23 -7.43 10.88 19.35
C HIS B 23 -8.30 11.92 18.63
N PHE B 24 -7.66 12.95 18.06
CA PHE B 24 -8.40 13.82 17.16
C PHE B 24 -7.54 14.32 16.00
N CYS B 25 -6.24 13.99 15.97
CA CYS B 25 -5.34 14.46 14.92
C CYS B 25 -4.13 13.55 14.86
N GLY B 26 -3.39 13.60 13.75
CA GLY B 26 -2.21 12.79 13.61
C GLY B 26 -1.00 13.67 13.80
N GLY B 27 0.20 13.13 13.59
CA GLY B 27 1.37 13.98 13.61
C GLY B 27 2.57 13.10 13.28
N THR B 28 3.75 13.70 13.12
CA THR B 28 4.88 12.99 12.56
C THR B 28 6.10 13.18 13.44
N ILE B 29 6.78 12.10 13.73
CA ILE B 29 7.95 12.14 14.58
C ILE B 29 9.10 12.73 13.78
N LEU B 30 9.60 13.90 14.21
CA LEU B 30 10.84 14.44 13.66
C LEU B 30 12.06 14.02 14.48
N ASP B 31 11.86 13.88 15.80
CA ASP B 31 12.85 13.25 16.68
C ASP B 31 12.26 13.04 18.07
N GLU B 32 13.12 12.66 19.02
CA GLU B 32 12.74 12.23 20.36
C GLU B 32 11.73 13.15 21.05
N TYR B 33 11.89 14.48 20.86
CA TYR B 33 11.08 15.47 21.55
C TYR B 33 10.05 16.13 20.65
N TRP B 34 10.22 16.05 19.31
CA TRP B 34 9.51 16.91 18.35
C TRP B 34 8.57 16.16 17.43
N ILE B 35 7.35 16.70 17.29
CA ILE B 35 6.26 16.17 16.49
C ILE B 35 5.82 17.30 15.56
N LEU B 36 5.73 16.95 14.29
CA LEU B 36 5.20 17.91 13.33
C LEU B 36 3.70 17.64 13.18
N THR B 37 2.87 18.66 13.05
CA THR B 37 1.43 18.49 12.86
C THR B 37 0.90 19.72 12.13
N ALA B 38 -0.43 19.87 12.19
CA ALA B 38 -1.10 21.01 11.59
C ALA B 38 -1.39 22.10 12.63
N ALA B 39 -1.16 23.35 12.24
CA ALA B 39 -1.54 24.47 13.07
C ALA B 39 -3.04 24.39 13.42
N HIS B 40 -3.83 23.84 12.51
CA HIS B 40 -5.28 23.85 12.74
C HIS B 40 -5.67 22.82 13.79
N CYS B 41 -4.75 21.91 14.16
CA CYS B 41 -4.98 20.89 15.16
C CYS B 41 -4.76 21.41 16.59
N VAL B 42 -3.83 22.36 16.74
CA VAL B 42 -3.27 22.71 18.03
C VAL B 42 -3.72 24.12 18.42
N ALA B 43 -4.22 24.87 17.43
CA ALA B 43 -4.50 26.30 17.59
C ALA B 43 -5.62 26.48 18.61
N GLY B 44 -5.44 27.50 19.47
CA GLY B 44 -6.22 27.69 20.70
C GLY B 44 -6.42 26.37 21.45
N GLN B 45 -5.30 25.69 21.75
CA GLN B 45 -5.29 24.53 22.62
C GLN B 45 -4.14 24.75 23.60
N THR B 46 -4.27 24.24 24.83
CA THR B 46 -3.22 24.33 25.83
C THR B 46 -2.35 23.08 25.79
N ALA B 47 -1.02 23.27 25.71
CA ALA B 47 -0.07 22.19 25.52
C ALA B 47 -0.35 21.06 26.50
N SER B 48 -0.54 21.38 27.78
CA SER B 48 -0.71 20.34 28.78
C SER B 48 -2.18 19.96 28.92
N LYS B 49 -2.94 20.15 27.86
CA LYS B 49 -4.19 19.43 27.70
C LYS B 49 -3.95 18.26 26.74
N LEU B 50 -2.72 18.14 26.20
CA LEU B 50 -2.47 17.33 25.02
C LEU B 50 -1.45 16.22 25.33
N SER B 51 -1.67 15.07 24.71
CA SER B 51 -0.72 13.97 24.73
C SER B 51 -0.69 13.33 23.35
N ILE B 52 0.40 12.60 23.08
CA ILE B 52 0.52 11.80 21.88
C ILE B 52 0.64 10.33 22.28
N ARG B 53 0.24 9.44 21.38
CA ARG B 53 0.53 8.03 21.49
C ARG B 53 1.48 7.71 20.37
N TYR B 54 2.59 7.08 20.76
CA TYR B 54 3.58 6.67 19.80
C TYR B 54 3.77 5.16 19.91
N ASN B 55 4.32 4.56 18.84
CA ASN B 55 4.83 3.20 18.90
C ASN B 55 3.67 2.19 18.95
N SER B 56 2.52 2.54 18.35
CA SER B 56 1.35 1.68 18.29
C SER B 56 0.70 1.79 16.92
N LEU B 57 0.07 0.72 16.43
CA LEU B 57 -0.71 0.92 15.22
C LEU B 57 -2.15 1.22 15.62
N LYS B 58 -2.37 1.27 16.94
CA LYS B 58 -3.68 1.55 17.50
C LYS B 58 -3.67 2.90 18.22
N HIS B 59 -4.69 3.72 17.94
CA HIS B 59 -4.71 5.04 18.57
C HIS B 59 -5.12 4.95 20.05
N SER B 60 -5.89 3.93 20.45
CA SER B 60 -6.43 3.97 21.81
C SER B 60 -5.81 2.89 22.69
N LEU B 61 -4.91 2.10 22.13
CA LEU B 61 -4.33 0.98 22.88
C LEU B 61 -2.86 0.84 22.45
N GLY B 62 -1.96 0.62 23.39
CA GLY B 62 -0.63 0.16 23.04
C GLY B 62 0.37 1.31 22.95
N GLY B 63 1.62 0.97 22.68
CA GLY B 63 2.66 1.97 22.57
C GLY B 63 2.83 2.66 23.92
N GLU B 64 3.05 3.97 23.87
CA GLU B 64 3.21 4.73 25.09
C GLU B 64 2.57 6.10 24.87
N LYS B 65 2.13 6.69 25.98
CA LYS B 65 1.52 8.01 25.97
C LYS B 65 2.48 8.97 26.64
N ILE B 66 2.65 10.14 26.01
CA ILE B 66 3.56 11.16 26.49
C ILE B 66 2.86 12.51 26.40
N SER B 67 3.01 13.30 27.47
CA SER B 67 2.40 14.62 27.55
C SER B 67 3.12 15.66 26.69
N VAL B 68 2.32 16.60 26.22
CA VAL B 68 2.87 17.70 25.48
C VAL B 68 3.28 18.81 26.45
N ALA B 69 4.44 19.43 26.16
CA ALA B 69 5.00 20.53 26.93
C ALA B 69 4.89 21.86 26.17
N LYS B 70 5.05 21.87 24.83
CA LYS B 70 5.02 23.14 24.12
C LYS B 70 4.27 23.03 22.79
N ILE B 71 3.63 24.12 22.37
CA ILE B 71 2.97 24.17 21.08
C ILE B 71 3.48 25.38 20.27
N PHE B 72 4.14 25.14 19.14
CA PHE B 72 4.46 26.21 18.22
C PHE B 72 3.56 26.18 16.97
N ALA B 73 2.48 26.97 16.95
CA ALA B 73 1.70 27.18 15.74
C ALA B 73 2.36 28.25 14.88
N HIS B 74 2.37 28.07 13.55
CA HIS B 74 3.00 29.03 12.65
C HIS B 74 2.43 30.46 12.86
N GLU B 75 3.33 31.45 12.90
CA GLU B 75 2.93 32.80 13.27
C GLU B 75 2.12 33.46 12.16
N LYS B 76 2.07 32.84 10.96
CA LYS B 76 1.32 33.35 9.82
C LYS B 76 0.15 32.43 9.54
N TYR B 77 -0.18 31.54 10.48
CA TYR B 77 -1.31 30.66 10.22
C TYR B 77 -2.55 31.51 9.98
N ASP B 78 -3.18 31.36 8.80
CA ASP B 78 -4.45 31.95 8.41
C ASP B 78 -5.52 30.86 8.53
N SER B 79 -6.42 30.98 9.50
CA SER B 79 -7.41 29.93 9.75
C SER B 79 -8.56 30.04 8.75
N PHE B 80 -8.76 31.22 8.16
CA PHE B 80 -9.79 31.36 7.14
C PHE B 80 -9.32 30.73 5.82
N LYS B 81 -8.01 30.73 5.56
CA LYS B 81 -7.52 30.21 4.29
C LYS B 81 -6.88 28.84 4.49
N ILE B 82 -6.80 28.41 5.75
CA ILE B 82 -6.03 27.25 6.14
C ILE B 82 -4.68 27.28 5.41
N ASP B 83 -4.05 28.44 5.44
CA ASP B 83 -2.76 28.62 4.80
C ASP B 83 -1.69 28.76 5.88
N ASN B 84 -0.47 28.30 5.60
CA ASN B 84 0.57 28.24 6.62
C ASN B 84 0.16 27.28 7.75
N ASP B 85 -0.33 26.09 7.36
CA ASP B 85 -1.00 25.22 8.30
C ASP B 85 -0.03 24.16 8.83
N ILE B 86 0.85 24.63 9.72
CA ILE B 86 1.94 23.85 10.25
C ILE B 86 2.11 24.24 11.73
N ALA B 87 2.35 23.23 12.57
CA ALA B 87 2.75 23.46 13.95
C ALA B 87 3.83 22.45 14.33
N LEU B 88 4.53 22.78 15.39
CA LEU B 88 5.47 21.88 16.03
C LEU B 88 5.03 21.68 17.46
N ILE B 89 5.21 20.45 17.94
CA ILE B 89 4.94 20.18 19.33
C ILE B 89 6.21 19.63 19.95
N LYS B 90 6.52 20.08 21.17
CA LYS B 90 7.58 19.48 21.95
C LYS B 90 6.96 18.74 23.12
N LEU B 91 7.46 17.53 23.35
CA LEU B 91 6.92 16.61 24.35
C LEU B 91 7.60 16.84 25.70
N LYS B 92 6.91 16.43 26.76
CA LYS B 92 7.43 16.65 28.11
C LYS B 92 8.59 15.72 28.39
N THR B 93 8.56 14.52 27.78
CA THR B 93 9.51 13.43 27.99
C THR B 93 9.79 12.80 26.65
N PRO B 94 11.03 12.32 26.42
CA PRO B 94 11.46 11.91 25.09
C PRO B 94 10.78 10.61 24.66
N MET B 95 10.69 10.42 23.35
CA MET B 95 10.18 9.17 22.83
C MET B 95 11.37 8.21 22.68
N LYS B 96 11.15 6.95 23.06
CA LYS B 96 12.12 5.93 22.74
C LYS B 96 11.95 5.60 21.26
N LEU B 97 12.91 6.03 20.45
CA LEU B 97 12.86 5.85 19.01
C LEU B 97 13.67 4.61 18.58
N ASP B 98 13.89 4.48 17.28
CA ASP B 98 14.59 3.35 16.67
C ASP B 98 13.94 2.03 17.12
N GLN B 99 12.61 2.05 17.26
CA GLN B 99 11.85 0.83 17.48
C GLN B 99 11.21 0.44 16.16
N LYS B 100 10.59 -0.73 16.15
CA LYS B 100 9.81 -1.22 15.02
C LYS B 100 8.80 -0.16 14.55
N ASN B 101 8.07 0.39 15.53
CA ASN B 101 6.91 1.22 15.24
C ASN B 101 7.13 2.64 15.77
N ALA B 102 8.42 3.03 15.97
CA ALA B 102 8.78 4.37 16.41
C ALA B 102 10.15 4.75 15.85
N LYS B 103 10.15 5.53 14.75
CA LYS B 103 11.34 6.15 14.18
C LYS B 103 10.94 7.53 13.68
N ALA B 104 11.92 8.41 13.59
CA ALA B 104 11.69 9.72 13.01
C ALA B 104 11.77 9.58 11.50
N VAL B 105 11.00 10.39 10.78
CA VAL B 105 11.17 10.52 9.35
C VAL B 105 12.01 11.79 9.10
N GLY B 106 12.67 11.86 7.95
CA GLY B 106 13.51 13.01 7.59
C GLY B 106 12.71 14.14 6.96
N LEU B 107 13.40 15.27 6.80
CA LEU B 107 12.86 16.49 6.19
C LEU B 107 13.44 16.66 4.81
N PRO B 108 12.60 17.17 3.88
CA PRO B 108 13.04 17.43 2.52
C PRO B 108 13.91 18.69 2.53
N ALA B 109 14.62 18.95 1.44
CA ALA B 109 15.46 20.13 1.27
C ALA B 109 14.63 21.42 1.27
N LYS B 110 15.29 22.52 1.61
CA LYS B 110 14.61 23.77 1.79
C LYS B 110 14.04 24.20 0.46
N GLY B 111 12.73 24.54 0.42
CA GLY B 111 12.10 25.11 -0.75
C GLY B 111 11.71 24.06 -1.80
N SER B 112 11.91 22.79 -1.48
CA SER B 112 11.47 21.75 -2.39
C SER B 112 9.95 21.68 -2.48
N ASP B 113 9.54 21.03 -3.57
CA ASP B 113 8.15 20.83 -3.92
C ASP B 113 8.01 19.39 -4.43
N VAL B 114 6.76 18.94 -4.57
CA VAL B 114 6.44 17.72 -5.27
C VAL B 114 5.97 18.13 -6.66
N LYS B 115 6.06 17.21 -7.65
CA LYS B 115 5.61 17.46 -9.02
C LYS B 115 4.58 16.41 -9.43
N VAL B 116 3.91 16.63 -10.57
CA VAL B 116 3.14 15.58 -11.21
C VAL B 116 4.04 14.39 -11.54
N GLY B 117 3.53 13.18 -11.27
CA GLY B 117 4.35 11.99 -11.40
C GLY B 117 4.86 11.46 -10.06
N ASP B 118 4.92 12.33 -9.03
CA ASP B 118 5.32 11.82 -7.73
C ASP B 118 4.12 11.16 -7.07
N GLN B 119 4.44 10.19 -6.20
CA GLN B 119 3.47 9.60 -5.31
C GLN B 119 3.94 9.82 -3.90
N VAL B 120 2.94 10.02 -3.02
CA VAL B 120 3.18 10.21 -1.60
C VAL B 120 2.24 9.29 -0.82
N ARG B 121 2.72 8.82 0.34
CA ARG B 121 1.96 8.00 1.26
C ARG B 121 1.42 8.87 2.41
N VAL B 122 0.09 8.81 2.64
CA VAL B 122 -0.66 9.47 3.71
C VAL B 122 -1.17 8.42 4.71
N SER B 123 -0.95 8.67 5.98
CA SER B 123 -1.37 7.70 6.98
C SER B 123 -2.17 8.39 8.08
N GLY B 124 -3.02 7.61 8.75
CA GLY B 124 -3.63 8.03 10.01
C GLY B 124 -4.80 7.11 10.37
N TRP B 125 -5.52 7.51 11.42
CA TRP B 125 -6.68 6.82 11.94
C TRP B 125 -7.97 7.54 11.52
N GLY B 126 -7.96 8.34 10.45
CA GLY B 126 -9.14 9.11 10.11
C GLY B 126 -10.26 8.20 9.57
N TYR B 127 -11.50 8.71 9.47
CA TYR B 127 -12.61 7.98 8.87
C TYR B 127 -12.20 7.26 7.59
N LEU B 128 -12.80 6.09 7.32
CA LEU B 128 -12.44 5.25 6.17
C LEU B 128 -13.25 5.66 4.94
N GLU B 129 -14.30 6.47 5.17
CA GLU B 129 -15.00 7.16 4.11
C GLU B 129 -15.66 8.42 4.67
N GLU B 130 -16.09 9.27 3.75
CA GLU B 130 -16.71 10.54 4.07
C GLU B 130 -17.97 10.27 4.89
N GLY B 131 -18.09 10.99 6.01
CA GLY B 131 -19.26 10.95 6.87
C GLY B 131 -19.61 9.58 7.47
N SER B 132 -18.59 8.75 7.76
CA SER B 132 -18.87 7.50 8.44
C SER B 132 -18.35 7.64 9.86
N TYR B 133 -19.21 7.94 10.82
CA TYR B 133 -18.73 8.69 11.95
C TYR B 133 -18.10 7.77 13.00
N SER B 134 -16.95 7.20 12.63
CA SER B 134 -16.18 6.36 13.53
C SER B 134 -14.75 6.21 12.99
N LEU B 135 -13.78 6.15 13.92
CA LEU B 135 -12.38 6.02 13.57
C LEU B 135 -12.07 4.54 13.47
N PRO B 136 -11.31 4.10 12.44
CA PRO B 136 -10.70 2.77 12.45
C PRO B 136 -9.85 2.73 13.71
N SER B 137 -9.66 1.53 14.27
CA SER B 137 -8.78 1.39 15.41
C SER B 137 -7.33 1.20 14.95
N GLU B 138 -7.16 0.73 13.70
CA GLU B 138 -5.84 0.38 13.20
C GLU B 138 -5.36 1.45 12.20
N LEU B 139 -4.04 1.63 12.13
CA LEU B 139 -3.48 2.71 11.31
C LEU B 139 -3.71 2.34 9.85
N ARG B 140 -4.10 3.32 9.02
CA ARG B 140 -4.21 3.10 7.58
C ARG B 140 -3.13 3.89 6.85
N ARG B 141 -2.79 3.46 5.63
CA ARG B 141 -1.93 4.27 4.79
C ARG B 141 -2.50 4.14 3.39
N VAL B 142 -2.39 5.23 2.62
CA VAL B 142 -2.72 5.15 1.21
C VAL B 142 -1.60 5.83 0.43
N ASP B 143 -1.36 5.37 -0.81
CA ASP B 143 -0.43 6.02 -1.70
C ASP B 143 -1.20 6.77 -2.77
N ILE B 144 -1.02 8.09 -2.83
CA ILE B 144 -1.68 8.83 -3.89
C ILE B 144 -0.65 9.49 -4.80
N ALA B 145 -1.16 9.79 -5.98
CA ALA B 145 -0.52 10.58 -7.00
C ALA B 145 -0.59 12.05 -6.59
N VAL B 146 0.50 12.76 -6.86
CA VAL B 146 0.48 14.21 -6.75
C VAL B 146 -0.33 14.82 -7.88
N VAL B 147 -1.08 15.87 -7.53
CA VAL B 147 -1.85 16.69 -8.44
C VAL B 147 -1.19 18.06 -8.45
N SER B 148 -0.88 18.57 -9.65
CA SER B 148 -0.20 19.84 -9.79
C SER B 148 -0.96 20.93 -9.00
N ARG B 149 -0.19 21.89 -8.43
CA ARG B 149 -0.79 23.07 -7.80
C ARG B 149 -1.80 23.75 -8.73
N LYS B 150 -1.40 24.01 -9.98
CA LYS B 150 -2.25 24.70 -10.95
C LYS B 150 -3.59 23.97 -11.05
N GLU B 151 -3.52 22.66 -11.25
CA GLU B 151 -4.74 21.90 -11.46
C GLU B 151 -5.58 21.93 -10.19
N CYS B 152 -4.93 21.60 -9.07
CA CYS B 152 -5.62 21.59 -7.81
C CYS B 152 -6.27 22.96 -7.62
N ASN B 153 -5.55 24.04 -7.96
CA ASN B 153 -6.07 25.38 -7.73
C ASN B 153 -7.33 25.58 -8.56
N GLU B 154 -7.29 25.13 -9.84
CA GLU B 154 -8.48 25.26 -10.65
C GLU B 154 -9.63 24.44 -10.12
N LEU B 155 -9.31 23.27 -9.55
CA LEU B 155 -10.34 22.36 -9.06
C LEU B 155 -11.04 23.04 -7.88
N TYR B 156 -10.26 23.56 -6.95
CA TYR B 156 -10.84 24.32 -5.85
C TYR B 156 -11.39 25.67 -6.28
N SER B 157 -10.98 26.17 -7.46
CA SER B 157 -11.33 27.53 -7.87
C SER B 157 -12.81 27.59 -8.21
N LYS B 158 -13.59 26.80 -7.48
CA LYS B 158 -14.93 26.46 -7.88
C LYS B 158 -15.76 26.26 -6.61
N ALA B 159 -15.08 25.82 -5.55
CA ALA B 159 -15.53 25.94 -4.17
C ALA B 159 -15.00 27.25 -3.58
N ASN B 160 -14.62 28.20 -4.44
CA ASN B 160 -14.23 29.54 -4.01
C ASN B 160 -12.96 29.46 -3.11
N ALA B 161 -12.17 28.40 -3.26
CA ALA B 161 -11.03 28.22 -2.37
C ALA B 161 -9.75 28.34 -3.16
N GLU B 162 -8.66 28.69 -2.48
CA GLU B 162 -7.38 28.92 -3.13
C GLU B 162 -6.33 27.92 -2.62
N VAL B 163 -5.66 27.23 -3.53
CA VAL B 163 -4.56 26.39 -3.11
C VAL B 163 -3.28 27.23 -3.28
N THR B 164 -2.69 27.68 -2.16
CA THR B 164 -1.61 28.65 -2.25
C THR B 164 -0.31 27.91 -2.55
N ASP B 165 0.78 28.67 -2.68
CA ASP B 165 2.13 28.14 -2.79
C ASP B 165 2.58 27.33 -1.58
N ASN B 166 1.96 27.55 -0.42
CA ASN B 166 2.39 26.86 0.78
C ASN B 166 1.71 25.48 0.89
N MET B 167 1.17 25.00 -0.23
CA MET B 167 0.24 23.88 -0.21
C MET B 167 0.56 22.96 -1.38
N ILE B 168 0.38 21.63 -1.20
CA ILE B 168 0.49 20.63 -2.26
C ILE B 168 -0.77 19.76 -2.26
N CYS B 169 -0.99 19.04 -3.35
CA CYS B 169 -2.25 18.30 -3.51
C CYS B 169 -1.97 16.87 -3.97
N GLY B 170 -2.84 15.98 -3.51
CA GLY B 170 -2.80 14.59 -3.85
C GLY B 170 -4.24 14.10 -3.97
N GLY B 171 -4.43 13.12 -4.85
CA GLY B 171 -5.74 12.57 -5.06
C GLY B 171 -5.86 11.97 -6.46
N ASP B 172 -7.00 11.36 -6.74
CA ASP B 172 -7.26 10.86 -8.09
C ASP B 172 -8.37 11.71 -8.69
N VAL B 173 -7.99 12.46 -9.72
CA VAL B 173 -8.83 13.52 -10.25
C VAL B 173 -9.94 12.94 -11.12
N ALA B 174 -9.62 11.80 -11.75
CA ALA B 174 -10.53 10.96 -12.53
C ALA B 174 -11.50 10.18 -11.63
N ASN B 175 -11.02 9.59 -10.54
CA ASN B 175 -11.81 8.58 -9.85
C ASN B 175 -12.18 9.00 -8.43
N GLY B 176 -11.38 9.86 -7.79
CA GLY B 176 -11.42 10.00 -6.34
C GLY B 176 -11.20 8.63 -5.68
N GLY B 177 -11.71 8.45 -4.47
CA GLY B 177 -11.59 7.17 -3.78
C GLY B 177 -10.28 6.99 -3.00
N LYS B 178 -9.27 7.84 -3.22
CA LYS B 178 -8.11 7.82 -2.33
C LYS B 178 -7.88 9.20 -1.72
N ASP B 179 -7.87 9.25 -0.37
CA ASP B 179 -7.76 10.53 0.30
C ASP B 179 -7.54 10.35 1.80
N SER B 180 -7.14 11.46 2.42
CA SER B 180 -7.28 11.63 3.85
C SER B 180 -8.73 12.05 4.13
N CYS B 181 -9.11 11.93 5.38
CA CYS B 181 -10.44 12.31 5.82
C CYS B 181 -10.31 12.85 7.25
N GLN B 182 -11.45 12.98 7.95
CA GLN B 182 -11.55 13.58 9.26
C GLN B 182 -10.87 12.68 10.26
N GLY B 183 -10.06 13.29 11.11
CA GLY B 183 -9.29 12.56 12.10
C GLY B 183 -7.87 12.32 11.61
N ASP B 184 -7.61 12.62 10.33
CA ASP B 184 -6.29 12.33 9.76
C ASP B 184 -5.40 13.56 9.75
N SER B 185 -6.03 14.73 9.94
CA SER B 185 -5.43 16.05 10.06
C SER B 185 -4.11 16.04 10.81
N GLY B 186 -3.10 16.68 10.22
CA GLY B 186 -1.81 16.83 10.90
C GLY B 186 -0.92 15.61 10.72
N GLY B 187 -1.49 14.59 10.10
CA GLY B 187 -0.79 13.35 9.80
C GLY B 187 0.28 13.55 8.74
N PRO B 188 1.23 12.62 8.58
CA PRO B 188 2.35 12.81 7.64
C PRO B 188 1.96 12.44 6.21
N VAL B 189 2.66 13.06 5.25
CA VAL B 189 2.55 12.78 3.82
C VAL B 189 3.99 12.55 3.41
N VAL B 190 4.32 11.31 3.05
CA VAL B 190 5.72 10.93 2.96
C VAL B 190 6.10 10.56 1.53
N ASP B 191 7.32 10.95 1.13
CA ASP B 191 8.00 10.39 -0.02
C ASP B 191 8.76 9.17 0.46
N VAL B 192 8.19 7.99 0.22
CA VAL B 192 8.68 6.77 0.82
C VAL B 192 10.13 6.48 0.39
N LYS B 193 10.44 6.74 -0.88
CA LYS B 193 11.73 6.49 -1.50
C LYS B 193 12.86 7.13 -0.67
N ASN B 194 12.66 8.40 -0.29
CA ASN B 194 13.71 9.16 0.36
C ASN B 194 13.46 9.22 1.86
N ASN B 195 12.30 8.71 2.31
CA ASN B 195 11.95 8.69 3.73
C ASN B 195 11.88 10.14 4.24
N GLN B 196 11.10 10.96 3.51
CA GLN B 196 10.90 12.38 3.86
C GLN B 196 9.43 12.75 3.88
N VAL B 197 9.06 13.55 4.89
CA VAL B 197 7.73 14.10 5.10
C VAL B 197 7.65 15.43 4.35
N VAL B 198 6.92 15.43 3.24
CA VAL B 198 6.84 16.56 2.34
C VAL B 198 5.52 17.28 2.55
N GLY B 199 4.62 16.67 3.33
CA GLY B 199 3.30 17.25 3.50
C GLY B 199 2.75 16.99 4.90
N ILE B 200 1.77 17.82 5.27
CA ILE B 200 0.91 17.57 6.40
C ILE B 200 -0.55 17.61 5.95
N VAL B 201 -1.33 16.62 6.31
CA VAL B 201 -2.75 16.56 5.96
C VAL B 201 -3.45 17.82 6.46
N SER B 202 -3.99 18.57 5.51
CA SER B 202 -4.44 19.90 5.85
C SER B 202 -5.97 20.04 5.73
N TRP B 203 -6.47 20.07 4.49
CA TRP B 203 -7.86 20.34 4.24
C TRP B 203 -8.22 19.73 2.90
N GLY B 204 -9.54 19.69 2.67
CA GLY B 204 -10.13 19.24 1.44
C GLY B 204 -11.62 19.50 1.50
N TYR B 205 -12.33 19.45 0.36
CA TYR B 205 -13.78 19.43 0.37
C TYR B 205 -14.24 17.97 0.34
N GLY B 206 -14.99 17.55 1.36
CA GLY B 206 -15.32 16.13 1.56
C GLY B 206 -14.07 15.25 1.55
N CYS B 207 -14.25 13.92 1.38
CA CYS B 207 -13.09 13.05 1.30
C CYS B 207 -13.26 12.21 0.05
N ALA B 208 -12.16 12.05 -0.69
CA ALA B 208 -12.09 11.18 -1.86
C ALA B 208 -13.13 11.51 -2.94
N ARG B 209 -13.63 12.74 -3.00
CA ARG B 209 -14.46 13.09 -4.14
C ARG B 209 -13.50 13.41 -5.28
N LYS B 210 -13.78 12.92 -6.48
CA LYS B 210 -12.91 13.31 -7.58
C LYS B 210 -13.03 14.82 -7.81
N GLY B 211 -11.93 15.40 -8.32
CA GLY B 211 -11.93 16.82 -8.63
C GLY B 211 -12.00 17.70 -7.39
N TYR B 212 -11.84 17.09 -6.22
CA TYR B 212 -11.61 17.80 -4.97
C TYR B 212 -10.51 17.08 -4.22
N PRO B 213 -9.25 17.15 -4.69
CA PRO B 213 -8.17 16.38 -4.08
C PRO B 213 -7.88 16.83 -2.66
N GLY B 214 -7.26 15.96 -1.85
CA GLY B 214 -6.78 16.38 -0.54
C GLY B 214 -5.67 17.43 -0.68
N VAL B 215 -5.73 18.49 0.17
CA VAL B 215 -4.77 19.58 0.20
C VAL B 215 -3.92 19.41 1.45
N TYR B 216 -2.58 19.48 1.24
CA TYR B 216 -1.57 19.23 2.25
C TYR B 216 -0.73 20.49 2.42
N THR B 217 -0.16 20.69 3.61
CA THR B 217 0.74 21.81 3.81
C THR B 217 2.09 21.47 3.20
N ARG B 218 2.73 22.43 2.54
CA ARG B 218 3.91 22.06 1.78
C ARG B 218 5.14 22.23 2.66
N VAL B 219 5.59 21.11 3.20
CA VAL B 219 6.58 21.15 4.24
C VAL B 219 7.87 21.81 3.74
N GLY B 220 8.17 21.62 2.44
CA GLY B 220 9.38 22.17 1.83
C GLY B 220 9.50 23.69 1.99
N ASN B 221 8.35 24.34 2.24
CA ASN B 221 8.29 25.78 2.44
C ASN B 221 8.48 26.17 3.91
N PHE B 222 8.69 25.22 4.81
CA PHE B 222 8.78 25.56 6.23
C PHE B 222 10.05 24.96 6.84
N ILE B 223 11.02 24.66 5.98
CA ILE B 223 12.22 23.97 6.43
C ILE B 223 13.02 24.84 7.40
N ASP B 224 13.27 26.09 6.99
CA ASP B 224 13.74 27.16 7.86
C ASP B 224 12.95 27.19 9.18
N TRP B 225 11.63 27.35 9.04
CA TRP B 225 10.78 27.48 10.21
C TRP B 225 10.92 26.32 11.21
N ILE B 226 10.99 25.07 10.73
CA ILE B 226 11.11 23.89 11.57
C ILE B 226 12.51 23.81 12.20
N GLU B 227 13.53 23.97 11.38
CA GLU B 227 14.89 23.72 11.84
C GLU B 227 15.28 24.78 12.87
N ILE B 228 14.72 26.00 12.75
CA ILE B 228 14.94 27.04 13.74
C ILE B 228 14.35 26.64 15.10
N LYS B 229 13.03 26.41 15.17
CA LYS B 229 12.35 26.09 16.43
C LYS B 229 13.06 24.96 17.16
N THR B 230 13.49 23.91 16.46
CA THR B 230 14.04 22.76 17.14
C THR B 230 15.43 23.12 17.72
S SO4 C . -12.54 -0.50 -9.93
O1 SO4 C . -13.15 -1.37 -8.94
O2 SO4 C . -13.26 -0.70 -11.16
O3 SO4 C . -12.65 0.86 -9.49
O4 SO4 C . -11.13 -0.82 -10.15
S SO4 D . -7.29 -4.45 -27.07
O1 SO4 D . -7.99 -5.59 -26.53
O2 SO4 D . -8.01 -4.05 -28.26
O3 SO4 D . -5.94 -4.82 -27.41
O4 SO4 D . -7.28 -3.34 -26.15
S SO4 E . -10.47 -1.33 12.16
O1 SO4 E . -11.05 -1.06 10.85
O2 SO4 E . -11.12 -0.46 13.10
O3 SO4 E . -10.69 -2.71 12.52
O4 SO4 E . -9.03 -1.11 12.16
S SO4 F . -2.81 3.86 28.07
O1 SO4 F . -3.09 3.69 29.46
O2 SO4 F . -3.79 4.74 27.50
O3 SO4 F . -2.86 2.57 27.40
O4 SO4 F . -1.49 4.42 27.93
#